data_2EK6
#
_entry.id   2EK6
#
_cell.length_a   107.020
_cell.length_b   107.020
_cell.length_c   58.890
_cell.angle_alpha   90.000
_cell.angle_beta   90.000
_cell.angle_gamma   120.000
#
_symmetry.space_group_name_H-M   'P 6'
#
loop_
_entity.id
_entity.type
_entity.pdbx_description
1 polymer 'RNA-binding protein 12'
2 water water
#
_entity_poly.entity_id   1
_entity_poly.type   'polypeptide(L)'
_entity_poly.pdbx_seq_one_letter_code
;GSSGSSGSSSGKPGPTVIKVQNMPFTVSIDEILDFFYGYQVIPGSVCLKYNEKGMPTGEAMVAFESRDEATAAVIDLNDR
PIGSRKVKLSGPSSG
;
_entity_poly.pdbx_strand_id   A,B,C,D
#
# COMPACT_ATOMS: atom_id res chain seq x y z
N PRO A 15 12.05 -0.58 -23.92
CA PRO A 15 11.92 -1.10 -22.53
C PRO A 15 10.64 -1.84 -22.40
N THR A 16 10.75 -3.11 -22.72
CA THR A 16 9.62 -3.98 -22.69
C THR A 16 9.31 -4.36 -21.25
N VAL A 17 8.03 -4.68 -21.00
CA VAL A 17 7.62 -5.06 -19.68
C VAL A 17 7.52 -6.56 -19.75
N ILE A 18 7.80 -7.23 -18.64
CA ILE A 18 7.72 -8.69 -18.63
C ILE A 18 6.75 -9.12 -17.54
N LYS A 19 6.32 -10.39 -17.58
CA LYS A 19 5.42 -10.90 -16.58
C LYS A 19 6.16 -11.79 -15.60
N VAL A 20 5.75 -11.68 -14.35
CA VAL A 20 6.36 -12.41 -13.26
C VAL A 20 5.28 -13.11 -12.45
N GLN A 21 5.29 -14.44 -12.45
CA GLN A 21 4.26 -15.18 -11.73
C GLN A 21 4.78 -16.05 -10.61
N ASN A 22 3.82 -16.63 -9.88
CA ASN A 22 4.07 -17.53 -8.77
C ASN A 22 4.97 -16.96 -7.68
N MET A 23 4.70 -15.72 -7.27
CA MET A 23 5.50 -15.08 -6.24
C MET A 23 4.96 -15.41 -4.85
N PRO A 24 5.83 -15.39 -3.83
CA PRO A 24 5.35 -15.68 -2.47
C PRO A 24 4.53 -14.45 -2.14
N PHE A 25 3.53 -14.53 -1.27
CA PHE A 25 2.80 -13.29 -1.02
C PHE A 25 3.42 -12.53 0.16
N THR A 26 4.67 -12.86 0.42
CA THR A 26 5.42 -12.19 1.47
C THR A 26 6.36 -11.18 0.84
N VAL A 27 6.35 -11.06 -0.50
CA VAL A 27 7.26 -10.12 -1.18
C VAL A 27 7.08 -8.67 -0.91
N SER A 28 8.15 -7.96 -1.20
CA SER A 28 8.18 -6.55 -1.09
C SER A 28 8.68 -6.08 -2.43
N ILE A 29 8.72 -4.77 -2.56
CA ILE A 29 9.18 -4.18 -3.77
C ILE A 29 10.72 -4.32 -3.83
N ASP A 30 11.38 -4.11 -2.71
CA ASP A 30 12.83 -4.27 -2.64
C ASP A 30 13.23 -5.67 -3.12
N GLU A 31 12.52 -6.70 -2.65
CA GLU A 31 12.84 -8.07 -3.02
C GLU A 31 12.77 -8.33 -4.53
N ILE A 32 11.71 -7.85 -5.17
CA ILE A 32 11.50 -8.01 -6.60
C ILE A 32 12.63 -7.37 -7.41
N LEU A 33 13.04 -6.18 -6.98
CA LEU A 33 14.10 -5.45 -7.65
C LEU A 33 15.44 -6.17 -7.42
N ASP A 34 15.65 -6.63 -6.19
CA ASP A 34 16.86 -7.36 -5.83
C ASP A 34 16.94 -8.64 -6.67
N PHE A 35 15.80 -9.28 -6.86
CA PHE A 35 15.71 -10.51 -7.65
C PHE A 35 16.26 -10.27 -9.04
N PHE A 36 16.18 -9.02 -9.48
CA PHE A 36 16.67 -8.62 -10.78
C PHE A 36 17.99 -7.89 -10.71
N TYR A 37 18.71 -8.04 -9.60
CA TYR A 37 20.01 -7.37 -9.45
C TYR A 37 20.92 -7.71 -10.64
N GLY A 38 21.74 -6.74 -11.06
CA GLY A 38 22.62 -6.98 -12.18
C GLY A 38 21.90 -6.81 -13.51
N TYR A 39 20.60 -6.53 -13.44
CA TYR A 39 19.83 -6.34 -14.66
C TYR A 39 19.35 -4.91 -14.75
N GLN A 40 19.27 -4.43 -15.99
CA GLN A 40 18.85 -3.07 -16.29
C GLN A 40 17.34 -2.88 -16.09
N VAL A 41 16.89 -3.07 -14.86
CA VAL A 41 15.48 -2.91 -14.54
C VAL A 41 15.18 -1.49 -14.09
N ILE A 42 13.96 -1.05 -14.39
CA ILE A 42 13.46 0.27 -14.04
C ILE A 42 12.82 0.18 -12.65
N PRO A 43 13.45 0.81 -11.65
CA PRO A 43 13.05 0.87 -10.23
C PRO A 43 11.61 1.23 -9.88
N GLY A 44 10.99 2.11 -10.66
CA GLY A 44 9.62 2.50 -10.39
C GLY A 44 8.67 2.03 -11.48
N SER A 45 8.90 0.82 -11.97
CA SER A 45 8.09 0.23 -13.02
C SER A 45 7.25 -0.96 -12.54
N VAL A 46 7.47 -1.38 -11.29
CA VAL A 46 6.76 -2.53 -10.72
C VAL A 46 5.34 -2.23 -10.30
N CYS A 47 4.46 -3.09 -10.75
CA CYS A 47 3.07 -2.90 -10.46
C CYS A 47 2.59 -4.33 -9.99
N LEU A 48 1.97 -4.41 -8.81
CA LEU A 48 1.55 -5.70 -8.24
C LEU A 48 0.07 -5.99 -8.43
N LYS A 49 -0.24 -7.14 -9.03
CA LYS A 49 -1.62 -7.53 -9.29
C LYS A 49 -2.31 -8.17 -8.10
N TYR A 50 -3.55 -7.76 -7.85
CA TYR A 50 -4.35 -8.26 -6.75
C TYR A 50 -5.67 -8.74 -7.30
N ASN A 51 -6.44 -9.47 -6.48
CA ASN A 51 -7.73 -9.96 -6.94
C ASN A 51 -8.86 -9.11 -6.36
N GLU A 52 -10.09 -9.53 -6.65
CA GLU A 52 -11.28 -8.83 -6.18
C GLU A 52 -11.41 -8.86 -4.67
N LYS A 53 -10.71 -9.79 -4.02
CA LYS A 53 -10.77 -9.90 -2.57
C LYS A 53 -9.70 -9.10 -1.85
N GLY A 54 -8.97 -8.28 -2.61
CA GLY A 54 -7.94 -7.45 -2.02
C GLY A 54 -6.61 -8.10 -1.70
N MET A 55 -6.45 -9.37 -2.06
CA MET A 55 -5.22 -10.09 -1.79
C MET A 55 -4.37 -10.27 -3.06
N PRO A 56 -3.03 -10.21 -2.91
CA PRO A 56 -2.12 -10.36 -4.05
C PRO A 56 -2.27 -11.71 -4.75
N THR A 57 -2.08 -11.71 -6.05
CA THR A 57 -2.20 -12.93 -6.85
C THR A 57 -0.85 -13.55 -7.13
N GLY A 58 0.21 -12.93 -6.62
CA GLY A 58 1.54 -13.45 -6.83
C GLY A 58 2.11 -13.04 -8.17
N GLU A 59 1.36 -12.21 -8.90
CA GLU A 59 1.79 -11.74 -10.21
C GLU A 59 2.09 -10.24 -10.18
N ALA A 60 2.94 -9.81 -11.10
CA ALA A 60 3.32 -8.41 -11.21
C ALA A 60 3.88 -8.15 -12.60
N MET A 61 4.02 -6.86 -12.94
CA MET A 61 4.58 -6.46 -14.22
C MET A 61 5.87 -5.72 -13.87
N VAL A 62 6.93 -5.95 -14.65
CA VAL A 62 8.22 -5.30 -14.43
C VAL A 62 8.86 -4.88 -15.77
N ALA A 63 9.21 -3.60 -15.91
CA ALA A 63 9.83 -3.12 -17.14
C ALA A 63 11.35 -2.83 -17.01
N PHE A 64 12.06 -2.89 -18.14
CA PHE A 64 13.51 -2.65 -18.17
C PHE A 64 13.88 -1.49 -19.09
N GLU A 65 15.17 -1.20 -19.19
CA GLU A 65 15.63 -0.08 -20.03
C GLU A 65 15.62 -0.42 -21.53
N SER A 66 15.69 -1.70 -21.85
CA SER A 66 15.68 -2.14 -23.24
C SER A 66 14.88 -3.42 -23.39
N ARG A 67 14.73 -3.85 -24.64
CA ARG A 67 14.00 -5.08 -24.96
C ARG A 67 14.91 -6.29 -24.82
N ASP A 68 16.21 -6.08 -24.97
CA ASP A 68 17.18 -7.16 -24.84
C ASP A 68 17.46 -7.45 -23.39
N GLU A 69 17.11 -6.50 -22.53
CA GLU A 69 17.31 -6.67 -21.10
C GLU A 69 16.13 -7.37 -20.48
N ALA A 70 14.97 -7.25 -21.13
CA ALA A 70 13.76 -7.92 -20.66
C ALA A 70 13.84 -9.35 -21.14
N THR A 71 14.33 -9.53 -22.37
CA THR A 71 14.47 -10.86 -22.95
C THR A 71 15.50 -11.64 -22.16
N ALA A 72 16.56 -10.96 -21.72
CA ALA A 72 17.63 -11.58 -20.97
C ALA A 72 17.20 -12.01 -19.57
N ALA A 73 16.27 -11.29 -18.97
CA ALA A 73 15.81 -11.62 -17.63
C ALA A 73 14.96 -12.89 -17.66
N VAL A 74 13.92 -12.87 -18.48
CA VAL A 74 13.01 -14.00 -18.64
C VAL A 74 13.75 -15.34 -18.83
N ILE A 75 14.68 -15.34 -19.78
CA ILE A 75 15.47 -16.51 -20.10
C ILE A 75 16.36 -16.91 -18.93
N ASP A 76 17.09 -15.93 -18.42
CA ASP A 76 18.03 -16.13 -17.33
C ASP A 76 17.43 -16.41 -15.94
N LEU A 77 16.37 -15.71 -15.57
CA LEU A 77 15.80 -15.89 -14.23
C LEU A 77 14.52 -16.69 -14.10
N ASN A 78 14.01 -17.21 -15.20
CA ASN A 78 12.80 -18.01 -15.11
C ASN A 78 13.04 -19.22 -14.20
N ASP A 79 12.04 -19.56 -13.40
CA ASP A 79 12.05 -20.69 -12.47
C ASP A 79 12.88 -20.48 -11.21
N ARG A 80 13.55 -19.34 -11.14
CA ARG A 80 14.38 -18.98 -10.01
C ARG A 80 13.48 -18.58 -8.86
N PRO A 81 14.02 -18.63 -7.62
CA PRO A 81 13.24 -18.29 -6.43
C PRO A 81 13.36 -16.91 -5.80
N ILE A 82 12.25 -16.52 -5.19
CA ILE A 82 12.12 -15.28 -4.44
C ILE A 82 11.70 -15.93 -3.12
N GLY A 83 12.63 -15.98 -2.17
CA GLY A 83 12.30 -16.62 -0.92
C GLY A 83 12.17 -18.10 -1.18
N SER A 84 10.95 -18.64 -1.08
CA SER A 84 10.74 -20.07 -1.32
C SER A 84 10.16 -20.41 -2.68
N ARG A 85 9.35 -19.50 -3.22
CA ARG A 85 8.70 -19.75 -4.48
C ARG A 85 9.53 -19.56 -5.73
N LYS A 86 9.53 -20.61 -6.56
CA LYS A 86 10.22 -20.57 -7.82
C LYS A 86 9.24 -19.84 -8.72
N VAL A 87 9.72 -18.69 -9.15
CA VAL A 87 8.99 -17.75 -9.97
C VAL A 87 9.01 -18.11 -11.46
N LYS A 88 7.95 -17.72 -12.18
CA LYS A 88 7.87 -17.97 -13.62
C LYS A 88 7.82 -16.64 -14.34
N LEU A 89 8.68 -16.51 -15.35
CA LEU A 89 8.77 -15.28 -16.13
C LEU A 89 8.39 -15.48 -17.58
N SER A 90 7.75 -14.47 -18.16
CA SER A 90 7.35 -14.52 -19.56
C SER A 90 7.36 -13.12 -20.17
N GLY A 91 7.10 -13.05 -21.47
CA GLY A 91 7.09 -11.76 -22.15
C GLY A 91 8.50 -11.35 -22.53
N PRO A 92 8.66 -10.21 -23.22
CA PRO A 92 7.55 -9.36 -23.71
C PRO A 92 6.99 -9.74 -25.09
N PRO B 15 -3.21 -8.45 -22.85
CA PRO B 15 -2.47 -7.70 -23.88
C PRO B 15 -2.82 -6.23 -24.08
N THR B 16 -4.11 -5.87 -24.02
CA THR B 16 -4.50 -4.46 -24.18
C THR B 16 -4.67 -3.85 -22.80
N VAL B 17 -3.57 -3.29 -22.29
CA VAL B 17 -3.52 -2.69 -20.97
C VAL B 17 -3.59 -1.17 -21.05
N ILE B 18 -4.10 -0.56 -19.98
CA ILE B 18 -4.24 0.89 -19.90
C ILE B 18 -3.79 1.35 -18.51
N LYS B 19 -3.37 2.61 -18.42
CA LYS B 19 -2.95 3.16 -17.14
C LYS B 19 -4.05 3.99 -16.50
N VAL B 20 -4.10 3.93 -15.17
CA VAL B 20 -5.09 4.68 -14.40
C VAL B 20 -4.32 5.55 -13.43
N GLN B 21 -4.74 6.81 -13.30
CA GLN B 21 -4.05 7.74 -12.42
C GLN B 21 -5.05 8.60 -11.66
N ASN B 22 -4.57 9.22 -10.58
CA ASN B 22 -5.38 10.09 -9.75
C ASN B 22 -6.36 9.41 -8.82
N MET B 23 -6.07 8.16 -8.46
CA MET B 23 -6.92 7.43 -7.51
C MET B 23 -6.41 7.80 -6.12
N PRO B 24 -7.28 7.80 -5.10
CA PRO B 24 -6.71 8.14 -3.78
C PRO B 24 -5.60 7.11 -3.52
N PHE B 25 -4.62 7.45 -2.69
CA PHE B 25 -3.52 6.54 -2.45
C PHE B 25 -3.98 5.24 -1.80
N THR B 26 -5.09 5.31 -1.09
CA THR B 26 -5.65 4.12 -0.47
C THR B 26 -6.92 3.80 -1.25
N VAL B 27 -6.88 2.71 -2.00
CA VAL B 27 -8.01 2.25 -2.78
C VAL B 27 -8.02 0.71 -2.73
N SER B 28 -9.20 0.11 -2.84
CA SER B 28 -9.29 -1.33 -2.85
C SER B 28 -9.61 -1.78 -4.27
N ILE B 29 -9.33 -3.04 -4.58
CA ILE B 29 -9.59 -3.59 -5.90
C ILE B 29 -11.09 -3.66 -6.06
N ASP B 30 -11.74 -4.09 -4.98
CA ASP B 30 -13.18 -4.19 -4.99
C ASP B 30 -13.76 -2.84 -5.44
N GLU B 31 -13.13 -1.74 -5.02
CA GLU B 31 -13.58 -0.39 -5.41
C GLU B 31 -13.29 -0.08 -6.89
N ILE B 32 -12.11 -0.48 -7.34
CA ILE B 32 -11.69 -0.26 -8.73
C ILE B 32 -12.60 -1.01 -9.71
N LEU B 33 -12.88 -2.27 -9.39
CA LEU B 33 -13.74 -3.09 -10.23
C LEU B 33 -15.13 -2.46 -10.34
N ASP B 34 -15.56 -1.76 -9.29
CA ASP B 34 -16.86 -1.08 -9.29
C ASP B 34 -16.82 0.00 -10.37
N PHE B 35 -15.68 0.68 -10.45
CA PHE B 35 -15.46 1.75 -11.42
C PHE B 35 -15.57 1.25 -12.86
N PHE B 36 -15.05 0.05 -13.10
CA PHE B 36 -15.06 -0.57 -14.42
C PHE B 36 -16.21 -1.52 -14.68
N TYR B 37 -17.26 -1.43 -13.88
CA TYR B 37 -18.40 -2.29 -14.08
C TYR B 37 -18.95 -2.12 -15.50
N GLY B 38 -19.39 -3.21 -16.11
CA GLY B 38 -19.95 -3.12 -17.45
C GLY B 38 -18.95 -3.26 -18.58
N TYR B 39 -17.71 -3.55 -18.24
CA TYR B 39 -16.67 -3.72 -19.24
C TYR B 39 -15.95 -5.01 -18.91
N GLN B 40 -15.36 -5.64 -19.92
CA GLN B 40 -14.69 -6.91 -19.72
C GLN B 40 -13.25 -6.79 -19.28
N VAL B 41 -13.09 -6.31 -18.05
CA VAL B 41 -11.78 -6.15 -17.44
C VAL B 41 -11.25 -7.56 -17.11
N ILE B 42 -10.13 -7.96 -17.69
CA ILE B 42 -9.57 -9.28 -17.39
C ILE B 42 -9.29 -9.40 -15.88
N PRO B 43 -9.95 -10.37 -15.21
CA PRO B 43 -9.78 -10.60 -13.77
C PRO B 43 -8.37 -10.85 -13.29
N GLY B 44 -7.98 -10.18 -12.20
CA GLY B 44 -6.64 -10.33 -11.64
C GLY B 44 -5.60 -9.47 -12.34
N SER B 45 -6.03 -8.80 -13.41
CA SER B 45 -5.13 -7.95 -14.18
C SER B 45 -4.87 -6.60 -13.52
N VAL B 46 -5.66 -6.27 -12.50
CA VAL B 46 -5.48 -4.99 -11.83
C VAL B 46 -4.23 -4.94 -10.98
N CYS B 47 -3.27 -4.28 -11.60
CA CYS B 47 -1.95 -4.00 -11.10
C CYS B 47 -1.69 -2.70 -10.40
N LEU B 48 -1.48 -2.69 -9.07
CA LEU B 48 -1.19 -1.40 -8.42
C LEU B 48 0.29 -1.07 -8.58
N LYS B 49 0.59 0.17 -8.98
CA LYS B 49 1.97 0.60 -9.21
C LYS B 49 2.69 1.19 -8.01
N TYR B 50 4.01 1.00 -7.98
CA TYR B 50 4.86 1.49 -6.89
C TYR B 50 6.06 2.20 -7.47
N ASN B 51 6.62 3.16 -6.75
CA ASN B 51 7.82 3.85 -7.20
C ASN B 51 9.04 3.08 -6.71
N GLU B 52 10.24 3.60 -6.97
CA GLU B 52 11.45 2.91 -6.55
C GLU B 52 11.64 2.91 -5.05
N LYS B 53 10.76 3.61 -4.34
CA LYS B 53 10.82 3.63 -2.89
C LYS B 53 9.91 2.55 -2.33
N GLY B 54 9.09 1.99 -3.22
CA GLY B 54 8.18 0.92 -2.83
C GLY B 54 6.87 1.43 -2.26
N MET B 55 6.58 2.71 -2.50
CA MET B 55 5.36 3.31 -1.99
C MET B 55 4.23 3.44 -3.01
N PRO B 56 2.98 3.45 -2.52
CA PRO B 56 1.79 3.56 -3.38
C PRO B 56 1.80 4.85 -4.21
N THR B 57 1.59 4.72 -5.52
CA THR B 57 1.57 5.89 -6.43
C THR B 57 0.19 6.48 -6.76
N GLY B 58 -0.88 5.73 -6.51
CA GLY B 58 -2.19 6.22 -6.86
C GLY B 58 -2.46 5.85 -8.33
N GLU B 59 -1.62 4.96 -8.85
CA GLU B 59 -1.73 4.50 -10.22
C GLU B 59 -1.83 3.00 -10.36
N ALA B 60 -2.45 2.57 -11.45
CA ALA B 60 -2.62 1.17 -11.70
C ALA B 60 -2.69 0.87 -13.20
N MET B 61 -2.68 -0.41 -13.54
CA MET B 61 -2.75 -0.83 -14.93
C MET B 61 -3.87 -1.86 -14.94
N VAL B 62 -4.60 -1.93 -16.04
CA VAL B 62 -5.72 -2.85 -16.14
C VAL B 62 -5.85 -3.34 -17.59
N ALA B 63 -6.12 -4.62 -17.75
CA ALA B 63 -6.22 -5.19 -19.08
C ALA B 63 -7.61 -5.61 -19.50
N PHE B 64 -7.86 -5.56 -20.79
CA PHE B 64 -9.12 -5.97 -21.36
C PHE B 64 -8.78 -6.97 -22.46
N GLU B 65 -9.76 -7.78 -22.84
CA GLU B 65 -9.53 -8.80 -23.87
C GLU B 65 -9.32 -8.22 -25.27
N SER B 66 -10.05 -7.16 -25.61
CA SER B 66 -9.90 -6.57 -26.94
C SER B 66 -9.46 -5.11 -26.87
N ARG B 67 -8.95 -4.60 -28.00
CA ARG B 67 -8.54 -3.19 -28.07
C ARG B 67 -9.82 -2.40 -27.91
N ASP B 68 -10.88 -2.87 -28.56
CA ASP B 68 -12.20 -2.25 -28.55
C ASP B 68 -12.75 -1.93 -27.15
N GLU B 69 -12.60 -2.84 -26.19
CA GLU B 69 -13.08 -2.61 -24.83
C GLU B 69 -12.20 -1.70 -23.98
N ALA B 70 -10.92 -1.65 -24.31
CA ALA B 70 -9.97 -0.80 -23.60
C ALA B 70 -10.15 0.62 -24.12
N THR B 71 -10.60 0.74 -25.36
CA THR B 71 -10.82 2.04 -25.96
C THR B 71 -12.16 2.55 -25.46
N ALA B 72 -13.11 1.62 -25.30
CA ALA B 72 -14.45 1.94 -24.83
C ALA B 72 -14.49 2.35 -23.37
N ALA B 73 -13.55 1.83 -22.58
CA ALA B 73 -13.48 2.16 -21.17
C ALA B 73 -12.80 3.51 -20.96
N VAL B 74 -11.69 3.71 -21.65
CA VAL B 74 -10.93 4.94 -21.54
C VAL B 74 -11.74 6.20 -21.85
N ILE B 75 -12.59 6.12 -22.88
CA ILE B 75 -13.40 7.27 -23.31
C ILE B 75 -14.64 7.55 -22.46
N ASP B 76 -15.35 6.51 -22.05
CA ASP B 76 -16.56 6.67 -21.23
C ASP B 76 -16.23 7.03 -19.77
N LEU B 77 -15.42 6.18 -19.13
CA LEU B 77 -15.08 6.36 -17.73
C LEU B 77 -14.03 7.41 -17.43
N ASN B 78 -13.32 7.88 -18.44
CA ASN B 78 -12.32 8.90 -18.17
C ASN B 78 -12.91 10.06 -17.39
N ASP B 79 -12.19 10.47 -16.35
CA ASP B 79 -12.55 11.60 -15.48
C ASP B 79 -13.68 11.37 -14.49
N ARG B 80 -13.96 10.12 -14.18
CA ARG B 80 -15.00 9.81 -13.20
C ARG B 80 -14.36 9.57 -11.86
N PRO B 81 -15.14 9.65 -10.78
CA PRO B 81 -14.50 9.42 -9.49
C PRO B 81 -14.34 7.97 -9.03
N ILE B 82 -13.42 7.84 -8.11
CA ILE B 82 -13.07 6.62 -7.44
C ILE B 82 -12.73 7.39 -6.18
N GLY B 83 -13.51 7.20 -5.14
CA GLY B 83 -13.26 7.96 -3.93
C GLY B 83 -13.66 9.41 -4.21
N SER B 84 -12.74 10.33 -3.98
CA SER B 84 -13.01 11.75 -4.16
C SER B 84 -12.31 12.35 -5.38
N ARG B 85 -11.54 11.54 -6.11
CA ARG B 85 -10.79 12.03 -7.26
C ARG B 85 -11.28 11.59 -8.62
N LYS B 86 -11.12 12.48 -9.61
CA LYS B 86 -11.52 12.20 -10.97
C LYS B 86 -10.39 11.47 -11.67
N VAL B 87 -10.62 10.17 -11.85
CA VAL B 87 -9.66 9.26 -12.47
C VAL B 87 -9.34 9.59 -13.92
N LYS B 88 -8.10 9.30 -14.28
CA LYS B 88 -7.61 9.56 -15.62
C LYS B 88 -7.17 8.27 -16.30
N LEU B 89 -7.75 8.04 -17.46
CA LEU B 89 -7.46 6.84 -18.23
C LEU B 89 -6.61 7.14 -19.46
N SER B 90 -5.66 6.25 -19.73
CA SER B 90 -4.78 6.39 -20.87
C SER B 90 -4.48 5.02 -21.45
N GLY B 91 -4.81 4.85 -22.72
CA GLY B 91 -4.56 3.60 -23.40
C GLY B 91 -5.35 3.48 -24.70
N PRO B 92 -5.26 2.34 -25.40
CA PRO B 92 -4.47 1.17 -25.01
C PRO B 92 -2.95 1.43 -25.13
N PRO C 15 6.89 -0.85 25.61
CA PRO C 15 6.58 -0.78 24.16
C PRO C 15 5.78 0.48 23.90
N THR C 16 6.45 1.62 24.07
CA THR C 16 5.80 2.92 23.88
C THR C 16 5.89 3.40 22.44
N VAL C 17 4.87 4.12 22.00
CA VAL C 17 4.81 4.63 20.65
C VAL C 17 5.24 6.11 20.70
N ILE C 18 4.94 6.87 19.66
CA ILE C 18 5.23 8.31 19.58
C ILE C 18 4.73 8.66 18.21
N LYS C 19 4.34 9.90 18.02
CA LYS C 19 3.84 10.23 16.71
C LYS C 19 4.69 11.23 15.96
N VAL C 20 4.69 11.01 14.65
CA VAL C 20 5.47 11.78 13.70
C VAL C 20 4.59 12.71 12.87
N GLN C 21 4.98 13.97 12.78
CA GLN C 21 4.22 14.94 12.02
C GLN C 21 5.13 15.79 11.13
N ASN C 22 4.53 16.38 10.10
CA ASN C 22 5.27 17.22 9.17
C ASN C 22 6.28 16.44 8.32
N MET C 23 5.83 15.33 7.74
CA MET C 23 6.69 14.50 6.90
C MET C 23 6.28 14.75 5.45
N PRO C 24 7.26 14.82 4.52
CA PRO C 24 6.83 15.03 3.14
C PRO C 24 5.99 13.81 2.73
N PHE C 25 4.88 14.03 2.01
CA PHE C 25 3.98 12.94 1.63
C PHE C 25 4.62 11.87 0.73
N THR C 26 5.83 12.11 0.27
CA THR C 26 6.52 11.12 -0.56
C THR C 26 7.38 10.20 0.30
N VAL C 27 7.53 10.51 1.59
CA VAL C 27 8.33 9.70 2.51
C VAL C 27 7.97 8.22 2.40
N SER C 28 8.99 7.37 2.52
CA SER C 28 8.84 5.92 2.43
C SER C 28 9.19 5.30 3.77
N ILE C 29 8.72 4.08 4.01
CA ILE C 29 8.99 3.39 5.27
C ILE C 29 10.50 3.33 5.56
N ASP C 30 11.31 3.09 4.52
CA ASP C 30 12.76 3.02 4.66
C ASP C 30 13.36 4.32 5.18
N GLU C 31 12.83 5.44 4.71
CA GLU C 31 13.33 6.75 5.14
C GLU C 31 12.95 7.07 6.58
N ILE C 32 11.80 6.59 7.00
CA ILE C 32 11.32 6.78 8.34
C ILE C 32 12.21 5.97 9.27
N LEU C 33 12.44 4.71 8.89
CA LEU C 33 13.30 3.83 9.65
C LEU C 33 14.72 4.39 9.73
N ASP C 34 15.25 4.84 8.59
CA ASP C 34 16.59 5.41 8.55
C ASP C 34 16.62 6.60 9.51
N PHE C 35 15.67 7.50 9.35
CA PHE C 35 15.56 8.70 10.20
C PHE C 35 15.94 8.41 11.65
N PHE C 36 15.55 7.23 12.11
CA PHE C 36 15.80 6.78 13.47
C PHE C 36 16.89 5.77 13.63
N TYR C 37 17.90 5.88 12.79
CA TYR C 37 19.00 4.96 12.84
C TYR C 37 19.65 5.06 14.21
N GLY C 38 20.02 3.92 14.76
CA GLY C 38 20.66 3.87 16.06
C GLY C 38 19.81 4.27 17.24
N TYR C 39 18.51 4.05 17.13
CA TYR C 39 17.58 4.37 18.22
C TYR C 39 16.73 3.20 18.65
N GLN C 40 16.89 2.13 17.88
CA GLN C 40 16.25 0.87 18.12
C GLN C 40 14.72 0.92 18.13
N VAL C 41 14.22 1.38 17.01
CA VAL C 41 12.82 1.50 16.72
C VAL C 41 12.39 0.09 16.39
N ILE C 42 11.10 -0.19 16.53
CA ILE C 42 10.58 -1.52 16.24
C ILE C 42 10.29 -1.56 14.73
N PRO C 43 11.21 -2.12 13.94
CA PRO C 43 11.21 -2.29 12.48
C PRO C 43 9.89 -2.54 11.75
N GLY C 44 8.88 -3.05 12.43
CA GLY C 44 7.61 -3.30 11.77
C GLY C 44 6.44 -2.56 12.40
N SER C 45 6.77 -1.60 13.27
CA SER C 45 5.77 -0.82 13.98
C SER C 45 5.25 0.41 13.24
N VAL C 46 5.93 0.79 12.16
CA VAL C 46 5.55 1.98 11.39
C VAL C 46 4.15 1.92 10.77
N CYS C 47 3.36 2.97 10.97
CA CYS C 47 2.01 3.03 10.39
C CYS C 47 1.71 4.46 9.98
N LEU C 48 1.41 4.64 8.69
CA LEU C 48 1.13 5.96 8.12
C LEU C 48 -0.35 6.32 8.16
N LYS C 49 -0.64 7.59 8.42
CA LYS C 49 -2.01 8.08 8.52
C LYS C 49 -2.51 8.73 7.23
N TYR C 50 -3.82 8.60 7.01
CA TYR C 50 -4.49 9.15 5.83
C TYR C 50 -5.81 9.73 6.28
N ASN C 51 -6.31 10.71 5.52
CA ASN C 51 -7.60 11.33 5.79
C ASN C 51 -8.69 10.42 5.20
N GLU C 52 -9.95 10.81 5.36
CA GLU C 52 -11.07 10.01 4.86
C GLU C 52 -11.01 9.78 3.35
N LYS C 53 -10.39 10.72 2.63
CA LYS C 53 -10.26 10.67 1.17
C LYS C 53 -9.18 9.70 0.68
N GLY C 54 -8.31 9.26 1.60
CA GLY C 54 -7.27 8.32 1.25
C GLY C 54 -5.95 8.96 0.90
N MET C 55 -5.75 10.19 1.36
CA MET C 55 -4.53 10.94 1.10
C MET C 55 -3.62 10.97 2.33
N PRO C 56 -2.32 10.70 2.15
CA PRO C 56 -1.35 10.69 3.24
C PRO C 56 -1.27 12.08 3.90
N THR C 57 -1.32 12.11 5.22
CA THR C 57 -1.30 13.39 5.94
C THR C 57 0.06 13.78 6.52
N GLY C 58 1.07 12.95 6.32
CA GLY C 58 2.40 13.25 6.84
C GLY C 58 2.55 12.91 8.32
N GLU C 59 1.74 11.97 8.78
CA GLU C 59 1.78 11.57 10.18
C GLU C 59 2.03 10.06 10.33
N ALA C 60 2.78 9.70 11.36
CA ALA C 60 3.07 8.30 11.58
C ALA C 60 3.10 7.91 13.05
N MET C 61 3.07 6.62 13.28
CA MET C 61 3.12 6.06 14.61
C MET C 61 4.23 5.03 14.52
N VAL C 62 5.14 5.07 15.46
CA VAL C 62 6.25 4.14 15.50
C VAL C 62 6.35 3.84 16.97
N ALA C 63 6.97 2.72 17.32
CA ALA C 63 7.10 2.37 18.73
C ALA C 63 8.49 1.85 19.01
N PHE C 64 8.90 1.93 20.27
CA PHE C 64 10.23 1.46 20.65
C PHE C 64 10.20 0.40 21.75
N GLU C 65 11.30 -0.32 21.82
CA GLU C 65 11.51 -1.38 22.78
C GLU C 65 11.14 -0.99 24.20
N SER C 66 11.53 0.22 24.59
CA SER C 66 11.26 0.71 25.93
C SER C 66 10.85 2.17 25.91
N ARG C 67 10.21 2.60 26.99
CA ARG C 67 9.76 3.98 27.12
C ARG C 67 10.90 4.98 26.92
N ASP C 68 12.06 4.70 27.52
CA ASP C 68 13.23 5.57 27.41
C ASP C 68 13.84 5.71 26.00
N GLU C 69 13.75 4.64 25.20
CA GLU C 69 14.30 4.69 23.86
C GLU C 69 13.35 5.54 23.04
N ALA C 70 12.11 5.59 23.49
CA ALA C 70 11.06 6.36 22.83
C ALA C 70 11.27 7.82 23.21
N THR C 71 11.57 8.03 24.48
CA THR C 71 11.82 9.35 25.05
C THR C 71 13.05 10.00 24.45
N ALA C 72 14.15 9.26 24.38
CA ALA C 72 15.39 9.76 23.82
C ALA C 72 15.29 10.03 22.33
N ALA C 73 14.52 9.19 21.64
CA ALA C 73 14.32 9.32 20.20
C ALA C 73 13.67 10.67 19.89
N VAL C 74 12.53 10.93 20.53
CA VAL C 74 11.78 12.17 20.36
C VAL C 74 12.66 13.37 20.68
N ILE C 75 13.21 13.37 21.88
CA ILE C 75 14.05 14.46 22.32
C ILE C 75 15.26 14.75 21.39
N ASP C 76 16.14 13.76 21.21
CA ASP C 76 17.33 13.96 20.35
C ASP C 76 17.13 14.17 18.83
N LEU C 77 15.94 13.84 18.30
CA LEU C 77 15.69 13.98 16.84
C LEU C 77 14.55 14.89 16.40
N ASN C 78 13.92 15.57 17.35
CA ASN C 78 12.81 16.47 17.03
C ASN C 78 13.30 17.58 16.11
N ASP C 79 12.51 17.93 15.10
CA ASP C 79 12.86 18.99 14.15
C ASP C 79 13.86 18.55 13.10
N ARG C 80 14.25 17.28 13.15
CA ARG C 80 15.19 16.75 12.17
C ARG C 80 14.56 16.75 10.80
N PRO C 81 15.39 16.75 9.76
CA PRO C 81 14.81 16.76 8.44
C PRO C 81 14.64 15.43 7.77
N ILE C 82 13.51 15.30 7.08
CA ILE C 82 13.22 14.13 6.29
C ILE C 82 12.90 14.88 5.02
N GLY C 83 13.68 14.63 3.97
CA GLY C 83 13.44 15.34 2.75
C GLY C 83 13.59 16.82 3.01
N SER C 84 12.64 17.59 2.51
CA SER C 84 12.64 19.04 2.60
C SER C 84 11.93 19.69 3.80
N ARG C 85 11.65 18.92 4.85
CA ARG C 85 10.97 19.50 6.01
C ARG C 85 11.37 18.91 7.36
N LYS C 86 11.30 19.75 8.40
CA LYS C 86 11.65 19.35 9.76
C LYS C 86 10.51 18.55 10.41
N VAL C 87 10.82 17.31 10.77
CA VAL C 87 9.88 16.39 11.38
C VAL C 87 9.54 16.70 12.85
N LYS C 88 8.25 16.57 13.21
CA LYS C 88 7.78 16.84 14.58
C LYS C 88 7.43 15.61 15.40
N LEU C 89 8.17 15.38 16.48
CA LEU C 89 7.93 14.22 17.33
C LEU C 89 7.19 14.52 18.63
N SER C 90 6.28 13.62 18.98
CA SER C 90 5.48 13.72 20.21
C SER C 90 5.67 12.49 21.07
N GLY C 91 6.41 12.66 22.18
CA GLY C 91 6.63 11.55 23.09
C GLY C 91 5.28 11.07 23.59
N PRO C 92 5.23 9.89 24.19
CA PRO C 92 4.00 9.30 24.71
C PRO C 92 3.45 9.97 25.97
N PRO D 15 -7.88 9.70 24.09
CA PRO D 15 -7.69 8.98 22.82
C PRO D 15 -7.21 7.56 23.04
N THR D 16 -8.09 6.62 22.71
CA THR D 16 -7.77 5.22 22.85
C THR D 16 -7.78 4.63 21.45
N VAL D 17 -6.63 4.11 21.04
CA VAL D 17 -6.50 3.51 19.72
C VAL D 17 -6.69 2.03 19.84
N ILE D 18 -7.27 1.43 18.81
CA ILE D 18 -7.47 0.00 18.80
C ILE D 18 -6.87 -0.48 17.49
N LYS D 19 -6.51 -1.75 17.45
CA LYS D 19 -5.93 -2.33 16.27
C LYS D 19 -6.92 -3.16 15.49
N VAL D 20 -6.82 -3.03 14.17
CA VAL D 20 -7.66 -3.73 13.22
C VAL D 20 -6.73 -4.72 12.51
N GLN D 21 -7.07 -6.00 12.61
CA GLN D 21 -6.27 -7.03 11.97
C GLN D 21 -7.07 -7.89 11.00
N ASN D 22 -6.35 -8.48 10.07
CA ASN D 22 -6.93 -9.36 9.07
C ASN D 22 -7.80 -8.68 8.01
N MET D 23 -7.46 -7.44 7.67
CA MET D 23 -8.21 -6.72 6.65
C MET D 23 -7.64 -7.17 5.31
N PRO D 24 -8.40 -6.99 4.22
CA PRO D 24 -7.83 -7.41 2.94
C PRO D 24 -6.66 -6.45 2.68
N PHE D 25 -5.66 -6.87 1.93
CA PHE D 25 -4.51 -6.02 1.69
C PHE D 25 -4.85 -4.69 1.00
N THR D 26 -5.72 -4.73 -0.01
CA THR D 26 -6.09 -3.47 -0.65
C THR D 26 -7.36 -2.91 0.00
N VAL D 27 -7.15 -2.01 0.96
CA VAL D 27 -8.26 -1.41 1.70
C VAL D 27 -8.32 0.11 1.58
N SER D 28 -9.54 0.63 1.55
CA SER D 28 -9.82 2.06 1.46
C SER D 28 -10.03 2.65 2.86
N ILE D 29 -9.82 3.96 3.02
CA ILE D 29 -10.03 4.61 4.31
C ILE D 29 -11.53 4.82 4.46
N ASP D 30 -12.21 5.05 3.34
CA ASP D 30 -13.65 5.23 3.35
C ASP D 30 -14.28 3.94 3.85
N GLU D 31 -13.66 2.82 3.49
CA GLU D 31 -14.15 1.50 3.89
C GLU D 31 -13.92 1.22 5.38
N ILE D 32 -12.73 1.55 5.86
CA ILE D 32 -12.41 1.34 7.26
C ILE D 32 -13.31 2.23 8.12
N LEU D 33 -13.48 3.48 7.70
CA LEU D 33 -14.30 4.42 8.44
C LEU D 33 -15.78 4.02 8.43
N ASP D 34 -16.23 3.45 7.32
CA ASP D 34 -17.62 3.01 7.16
C ASP D 34 -17.88 1.76 7.99
N PHE D 35 -16.81 0.98 8.23
CA PHE D 35 -16.88 -0.23 9.04
C PHE D 35 -17.23 0.19 10.45
N PHE D 36 -16.65 1.31 10.89
CA PHE D 36 -16.88 1.85 12.22
C PHE D 36 -18.01 2.89 12.18
N TYR D 37 -19.01 2.64 11.34
CA TYR D 37 -20.15 3.53 11.23
C TYR D 37 -20.83 3.60 12.59
N GLY D 38 -21.33 4.78 12.94
CA GLY D 38 -21.98 4.94 14.22
C GLY D 38 -20.97 5.21 15.32
N TYR D 39 -19.70 4.97 15.00
CA TYR D 39 -18.60 5.20 15.94
C TYR D 39 -17.70 6.29 15.37
N GLN D 40 -17.42 7.28 16.21
CA GLN D 40 -16.61 8.39 15.78
C GLN D 40 -15.10 8.27 15.86
N VAL D 41 -14.54 7.91 14.71
CA VAL D 41 -13.14 7.76 14.47
C VAL D 41 -12.59 9.18 14.50
N ILE D 42 -11.48 9.37 15.19
CA ILE D 42 -10.89 10.70 15.27
C ILE D 42 -10.31 10.99 13.89
N PRO D 43 -10.81 12.03 13.21
CA PRO D 43 -10.35 12.41 11.86
C PRO D 43 -8.83 12.36 11.69
N GLY D 44 -8.37 11.50 10.78
CA GLY D 44 -6.96 11.38 10.51
C GLY D 44 -6.19 10.39 11.36
N SER D 45 -6.81 9.85 12.40
CA SER D 45 -6.14 8.89 13.27
C SER D 45 -6.02 7.48 12.67
N VAL D 46 -6.56 7.31 11.46
CA VAL D 46 -6.52 6.02 10.75
C VAL D 46 -5.19 5.85 10.01
N CYS D 47 -4.34 4.97 10.54
CA CYS D 47 -3.02 4.71 9.95
C CYS D 47 -2.87 3.24 9.60
N LEU D 48 -2.48 2.95 8.37
CA LEU D 48 -2.29 1.57 7.97
C LEU D 48 -0.88 1.14 8.38
N LYS D 49 -0.77 -0.03 9.01
CA LYS D 49 0.53 -0.53 9.46
C LYS D 49 1.31 -1.28 8.36
N TYR D 50 2.62 -1.04 8.30
CA TYR D 50 3.47 -1.69 7.31
C TYR D 50 4.51 -2.54 7.99
N ASN D 51 4.75 -3.74 7.46
CA ASN D 51 5.73 -4.65 8.04
C ASN D 51 7.15 -4.10 7.94
N GLU D 52 8.13 -4.91 8.34
CA GLU D 52 9.53 -4.52 8.30
C GLU D 52 10.05 -4.34 6.89
N LYS D 53 9.32 -4.86 5.90
CA LYS D 53 9.71 -4.74 4.49
C LYS D 53 9.14 -3.48 3.83
N GLY D 54 8.31 -2.75 4.57
CA GLY D 54 7.74 -1.54 4.05
C GLY D 54 6.45 -1.76 3.26
N MET D 55 5.86 -2.94 3.44
CA MET D 55 4.62 -3.32 2.74
C MET D 55 3.45 -3.42 3.72
N PRO D 56 2.21 -3.29 3.22
CA PRO D 56 1.03 -3.38 4.09
C PRO D 56 0.94 -4.78 4.71
N THR D 57 0.13 -4.93 5.75
CA THR D 57 0.01 -6.21 6.40
C THR D 57 -1.46 -6.59 6.61
N GLY D 58 -2.36 -5.72 6.17
CA GLY D 58 -3.76 -5.98 6.36
C GLY D 58 -4.12 -5.60 7.79
N GLU D 59 -3.30 -4.74 8.38
CA GLU D 59 -3.50 -4.29 9.75
C GLU D 59 -3.42 -2.78 9.86
N ALA D 60 -4.32 -2.22 10.66
CA ALA D 60 -4.40 -0.76 10.89
C ALA D 60 -4.74 -0.39 12.32
N MET D 61 -4.48 0.86 12.69
CA MET D 61 -4.77 1.38 14.03
C MET D 61 -5.84 2.46 13.88
N VAL D 62 -6.68 2.62 14.89
CA VAL D 62 -7.74 3.61 14.85
C VAL D 62 -7.99 4.19 16.24
N ALA D 63 -8.30 5.49 16.31
CA ALA D 63 -8.54 6.12 17.62
C ALA D 63 -9.91 6.73 17.82
N PHE D 64 -10.22 6.96 19.10
CA PHE D 64 -11.47 7.56 19.57
C PHE D 64 -11.10 8.44 20.76
N GLU D 65 -11.88 9.46 21.01
CA GLU D 65 -11.59 10.36 22.14
C GLU D 65 -11.93 9.61 23.42
N SER D 66 -13.11 8.97 23.37
CA SER D 66 -13.64 8.21 24.49
C SER D 66 -13.24 6.74 24.45
N ARG D 67 -12.84 6.27 25.62
CA ARG D 67 -12.41 4.92 25.84
C ARG D 67 -13.61 4.00 26.00
N ASP D 68 -14.75 4.60 26.36
CA ASP D 68 -15.98 3.86 26.49
C ASP D 68 -16.45 3.57 25.06
N GLU D 69 -16.16 4.50 24.15
CA GLU D 69 -16.54 4.34 22.74
C GLU D 69 -15.60 3.41 21.98
N ALA D 70 -14.35 3.31 22.42
CA ALA D 70 -13.40 2.41 21.76
C ALA D 70 -13.71 1.00 22.26
N THR D 71 -13.82 0.87 23.57
CA THR D 71 -14.11 -0.43 24.17
C THR D 71 -15.35 -0.99 23.50
N ALA D 72 -16.38 -0.16 23.36
CA ALA D 72 -17.64 -0.56 22.76
C ALA D 72 -17.52 -0.95 21.28
N ALA D 73 -16.72 -0.20 20.53
CA ALA D 73 -16.52 -0.47 19.11
C ALA D 73 -16.01 -1.90 18.95
N VAL D 74 -15.04 -2.26 19.79
CA VAL D 74 -14.42 -3.58 19.77
C VAL D 74 -15.45 -4.67 20.02
N ILE D 75 -16.13 -4.58 21.15
CA ILE D 75 -17.15 -5.55 21.52
C ILE D 75 -18.20 -5.76 20.43
N ASP D 76 -18.58 -4.66 19.78
CA ASP D 76 -19.64 -4.72 18.78
C ASP D 76 -19.27 -4.97 17.32
N LEU D 77 -18.03 -4.71 16.93
CA LEU D 77 -17.61 -4.90 15.55
C LEU D 77 -16.55 -5.97 15.33
N ASN D 78 -16.15 -6.67 16.37
CA ASN D 78 -15.13 -7.70 16.21
C ASN D 78 -15.75 -8.85 15.44
N ASP D 79 -15.00 -9.35 14.48
CA ASP D 79 -15.42 -10.47 13.61
C ASP D 79 -16.44 -10.12 12.52
N ARG D 80 -16.56 -8.83 12.26
CA ARG D 80 -17.46 -8.43 11.22
C ARG D 80 -16.58 -8.25 10.00
N PRO D 81 -17.16 -8.39 8.81
CA PRO D 81 -16.42 -8.26 7.56
C PRO D 81 -16.08 -6.88 7.02
N ILE D 82 -14.95 -6.85 6.32
CA ILE D 82 -14.45 -5.65 5.65
C ILE D 82 -14.05 -6.22 4.33
N GLY D 83 -14.86 -5.92 3.34
CA GLY D 83 -14.63 -6.49 2.04
C GLY D 83 -15.15 -7.89 2.30
N SER D 84 -14.26 -8.85 2.35
CA SER D 84 -14.63 -10.27 2.58
C SER D 84 -14.02 -10.90 3.84
N ARG D 85 -13.34 -10.12 4.67
CA ARG D 85 -12.68 -10.73 5.82
C ARG D 85 -13.14 -10.29 7.17
N LYS D 86 -13.24 -11.26 8.06
CA LYS D 86 -13.66 -11.02 9.42
C LYS D 86 -12.50 -10.50 10.22
N VAL D 87 -12.51 -9.19 10.37
CA VAL D 87 -11.48 -8.48 11.09
C VAL D 87 -11.48 -8.76 12.59
N LYS D 88 -10.29 -8.85 13.15
CA LYS D 88 -10.12 -9.08 14.58
C LYS D 88 -9.85 -7.73 15.20
N LEU D 89 -10.78 -7.29 16.04
CA LEU D 89 -10.66 -6.00 16.72
C LEU D 89 -10.15 -6.26 18.16
N SER D 90 -9.32 -5.35 18.66
CA SER D 90 -8.77 -5.50 20.01
C SER D 90 -8.13 -4.23 20.53
N GLY D 91 -7.73 -4.25 21.80
CA GLY D 91 -7.08 -3.11 22.39
C GLY D 91 -7.93 -2.36 23.39
N PRO D 92 -7.34 -1.42 24.15
CA PRO D 92 -5.90 -1.11 24.07
C PRO D 92 -5.07 -1.89 25.09
#